data_6JRE
#
_entry.id   6JRE
#
_cell.length_a   87.396
_cell.length_b   87.396
_cell.length_c   53.412
_cell.angle_alpha   90.000
_cell.angle_beta   90.000
_cell.angle_gamma   90.000
#
_symmetry.space_group_name_H-M   'P 41 21 2'
#
loop_
_entity.id
_entity.type
_entity.pdbx_description
1 polymer 'Aminoacyl-tRNA synthetase-interacting multifunctional protein p43'
2 non-polymer 'COBALT (II) ION'
#
_entity_poly.entity_id   1
_entity_poly.type   'polypeptide(L)'
_entity_poly.pdbx_seq_one_letter_code
;GAMAM(YCM)VLTLVQDDVKSDILKLVLDFIKAVVVKDDEKVAFPEVRHEKKISFQYKDKQYKELFCTLYAIIDIYDCYN
ELFNEDEGKVSENEEFIFHLASDKFKLKQLDMKHLNDLLCEKSYIVSNRHASIVDIFYFCSVYKPLSEMPAKERVEISHI
YRWFLHIQETLVGKFTTLKKLEVRDSLE
;
_entity_poly.pdbx_strand_id   B
#
loop_
_chem_comp.id
_chem_comp.type
_chem_comp.name
_chem_comp.formula
CO non-polymer 'COBALT (II) ION' 'Co 2'
#
# COMPACT_ATOMS: atom_id res chain seq x y z
N YCM A 6 -6.78 -19.46 9.37
CA YCM A 6 -6.55 -18.16 8.76
CB YCM A 6 -6.82 -17.11 9.82
SG YCM A 6 -7.46 -15.67 9.06
CD YCM A 6 -7.73 -14.76 10.53
CE YCM A 6 -9.08 -14.10 10.35
OZ1 YCM A 6 -9.45 -13.85 9.23
NZ2 YCM A 6 -9.79 -13.85 11.42
C YCM A 6 -5.13 -18.09 8.34
O YCM A 6 -4.27 -17.68 9.14
N VAL A 7 -4.84 -18.49 7.12
CA VAL A 7 -3.47 -18.41 6.67
C VAL A 7 -3.33 -17.68 5.36
N LEU A 8 -2.42 -16.71 5.33
CA LEU A 8 -2.19 -15.95 4.13
C LEU A 8 -0.82 -16.33 3.69
N THR A 9 -0.68 -16.72 2.44
CA THR A 9 0.61 -17.11 1.91
C THR A 9 1.03 -16.09 0.89
N LEU A 10 2.29 -15.67 0.95
CA LEU A 10 2.74 -14.61 0.05
C LEU A 10 3.99 -14.94 -0.80
N VAL A 11 4.18 -14.18 -1.88
CA VAL A 11 5.41 -14.21 -2.69
C VAL A 11 6.46 -13.38 -1.91
N GLN A 12 7.65 -13.16 -2.45
CA GLN A 12 8.72 -12.50 -1.66
C GLN A 12 9.63 -11.58 -2.46
N ASP A 13 9.42 -11.56 -3.77
CA ASP A 13 10.18 -10.70 -4.67
C ASP A 13 9.34 -9.53 -5.21
N ASP A 14 8.04 -9.51 -4.86
CA ASP A 14 7.06 -8.64 -5.54
C ASP A 14 6.33 -7.69 -4.61
N VAL A 15 5.92 -6.56 -5.18
CA VAL A 15 5.28 -5.51 -4.41
C VAL A 15 3.81 -5.81 -4.10
N LYS A 16 3.24 -6.83 -4.75
CA LYS A 16 1.86 -7.24 -4.48
C LYS A 16 1.75 -7.81 -3.05
N SER A 17 2.79 -8.53 -2.63
CA SER A 17 2.84 -9.06 -1.27
C SER A 17 3.06 -7.97 -0.25
N ASP A 18 3.95 -7.04 -0.59
CA ASP A 18 4.27 -5.92 0.28
C ASP A 18 3.04 -5.09 0.62
N ILE A 19 2.16 -4.98 -0.37
CA ILE A 19 0.97 -4.20 -0.23
C ILE A 19 0.10 -4.90 0.78
N LEU A 20 -0.01 -6.22 0.62
CA LEU A 20 -0.86 -7.00 1.51
C LEU A 20 -0.34 -6.99 2.94
N LYS A 21 0.95 -7.22 3.13
CA LYS A 21 1.55 -7.04 4.46
C LYS A 21 1.22 -5.67 5.05
N LEU A 22 1.43 -4.60 4.29
CA LEU A 22 1.22 -3.24 4.79
C LEU A 22 -0.25 -2.97 5.12
N VAL A 23 -1.17 -3.48 4.31
CA VAL A 23 -2.60 -3.32 4.59
C VAL A 23 -2.96 -3.85 5.94
N LEU A 24 -2.31 -4.96 6.31
CA LEU A 24 -2.52 -5.61 7.61
C LEU A 24 -2.02 -4.70 8.70
N ASP A 25 -0.80 -4.17 8.52
CA ASP A 25 -0.22 -3.17 9.42
C ASP A 25 -1.15 -1.97 9.57
N PHE A 26 -1.76 -1.57 8.44
CA PHE A 26 -2.77 -0.51 8.41
C PHE A 26 -3.95 -0.90 9.26
N ILE A 27 -4.50 -2.09 8.98
CA ILE A 27 -5.65 -2.57 9.74
C ILE A 27 -5.38 -2.45 11.24
N LYS A 28 -4.18 -2.79 11.69
CA LYS A 28 -3.85 -2.70 13.13
C LYS A 28 -3.54 -1.26 13.57
N ALA A 29 -2.75 -0.55 12.78
CA ALA A 29 -2.41 0.83 13.10
C ALA A 29 -3.67 1.66 13.31
N VAL A 30 -4.67 1.46 12.45
CA VAL A 30 -5.78 2.39 12.29
C VAL A 30 -7.12 1.81 12.74
N VAL A 31 -7.51 0.69 12.14
CA VAL A 31 -8.69 -0.03 12.60
C VAL A 31 -8.28 -0.84 13.85
N VAL A 32 -9.24 -1.41 14.59
CA VAL A 32 -9.00 -2.23 15.82
C VAL A 32 -8.36 -1.56 17.08
N VAL A 38 -9.84 -9.91 18.50
CA VAL A 38 -9.88 -10.53 17.16
C VAL A 38 -8.49 -10.90 16.60
N ALA A 39 -8.47 -11.97 15.81
CA ALA A 39 -7.25 -12.62 15.33
C ALA A 39 -6.79 -12.12 13.97
N PHE A 40 -5.60 -12.59 13.56
CA PHE A 40 -4.86 -12.12 12.37
C PHE A 40 -4.15 -13.25 11.61
N PRO A 41 -4.00 -13.12 10.30
CA PRO A 41 -3.45 -14.20 9.49
C PRO A 41 -2.03 -14.63 9.79
N GLU A 42 -1.79 -15.91 9.51
CA GLU A 42 -0.52 -16.54 9.72
C GLU A 42 0.64 -16.05 8.88
N VAL A 43 0.39 -15.72 7.62
CA VAL A 43 1.41 -15.23 6.67
C VAL A 43 2.69 -16.01 6.33
N ARG A 44 2.54 -17.23 5.83
CA ARG A 44 3.66 -18.06 5.39
C ARG A 44 4.16 -17.62 4.01
N HIS A 45 5.32 -18.08 3.59
CA HIS A 45 5.87 -17.68 2.27
C HIS A 45 5.92 -18.74 1.16
N GLU A 46 5.71 -18.30 -0.08
CA GLU A 46 5.68 -19.16 -1.25
C GLU A 46 5.96 -18.36 -2.51
N LYS A 47 5.88 -19.03 -3.64
CA LYS A 47 6.08 -18.35 -4.90
C LYS A 47 4.80 -17.73 -5.44
N LYS A 48 3.66 -18.05 -4.85
CA LYS A 48 2.40 -17.46 -5.30
C LYS A 48 1.49 -16.94 -4.19
N ILE A 49 0.67 -15.94 -4.49
CA ILE A 49 -0.19 -15.32 -3.44
C ILE A 49 -1.49 -16.08 -3.19
N SER A 50 -1.77 -16.39 -1.93
CA SER A 50 -3.04 -17.05 -1.57
C SER A 50 -3.51 -16.73 -0.15
N PHE A 51 -4.81 -16.90 0.07
CA PHE A 51 -5.43 -16.68 1.37
C PHE A 51 -6.62 -17.62 1.53
N GLN A 52 -6.60 -18.42 2.60
CA GLN A 52 -7.73 -19.30 2.94
C GLN A 52 -8.32 -18.93 4.28
N TYR A 53 -9.63 -18.72 4.28
CA TYR A 53 -10.39 -18.30 5.46
C TYR A 53 -11.65 -19.16 5.58
N LYS A 54 -11.76 -19.85 6.71
CA LYS A 54 -12.94 -20.67 6.96
C LYS A 54 -13.19 -21.57 5.77
N ASP A 55 -14.41 -21.55 5.27
CA ASP A 55 -14.71 -22.43 4.13
C ASP A 55 -13.93 -22.06 2.87
N LYS A 56 -13.96 -20.77 2.57
CA LYS A 56 -13.42 -20.16 1.37
C LYS A 56 -11.94 -20.11 1.13
N GLN A 57 -11.59 -19.83 -0.11
CA GLN A 57 -10.21 -19.83 -0.58
C GLN A 57 -10.06 -18.69 -1.64
N TYR A 58 -8.92 -18.02 -1.65
CA TYR A 58 -8.74 -16.83 -2.53
C TYR A 58 -7.35 -16.77 -3.14
N LYS A 59 -7.31 -16.53 -4.43
CA LYS A 59 -6.03 -16.44 -5.10
C LYS A 59 -5.89 -15.09 -5.77
N GLU A 60 -4.65 -14.61 -5.78
CA GLU A 60 -4.14 -13.34 -6.33
C GLU A 60 -4.33 -12.20 -5.37
N LEU A 61 -3.71 -11.07 -5.69
CA LEU A 61 -3.78 -9.93 -4.79
C LEU A 61 -5.15 -9.35 -4.61
N PHE A 62 -5.87 -9.16 -5.70
CA PHE A 62 -7.16 -8.54 -5.59
C PHE A 62 -8.26 -9.32 -4.95
N CYS A 63 -8.34 -10.60 -5.25
CA CYS A 63 -9.31 -11.43 -4.58
C CYS A 63 -8.87 -11.49 -3.14
N THR A 64 -7.56 -11.50 -2.94
CA THR A 64 -7.01 -11.60 -1.58
C THR A 64 -7.31 -10.31 -0.81
N LEU A 65 -6.98 -9.18 -1.43
CA LEU A 65 -7.26 -7.88 -0.86
C LEU A 65 -8.71 -7.79 -0.39
N TYR A 66 -9.66 -7.99 -1.30
CA TYR A 66 -11.03 -7.79 -0.95
C TYR A 66 -11.52 -8.69 0.15
N ALA A 67 -11.11 -9.96 0.13
CA ALA A 67 -11.36 -10.87 1.26
C ALA A 67 -10.89 -10.30 2.62
N ILE A 68 -9.63 -9.89 2.69
CA ILE A 68 -9.05 -9.14 3.84
C ILE A 68 -9.86 -7.94 4.33
N ILE A 69 -10.02 -6.91 3.49
CA ILE A 69 -10.96 -5.80 3.74
C ILE A 69 -12.37 -6.28 4.18
N ASP A 70 -12.87 -7.35 3.57
CA ASP A 70 -14.21 -7.80 3.89
C ASP A 70 -14.20 -8.34 5.31
N ILE A 71 -13.19 -9.12 5.64
CA ILE A 71 -13.09 -9.77 6.95
C ILE A 71 -12.90 -8.79 8.11
N TYR A 72 -12.23 -7.67 7.87
CA TYR A 72 -11.94 -6.65 8.90
C TYR A 72 -12.86 -5.41 8.87
N ASP A 73 -13.84 -5.45 7.95
CA ASP A 73 -14.86 -4.41 7.79
C ASP A 73 -14.29 -3.04 7.39
N CYS A 74 -13.03 -3.02 6.94
CA CYS A 74 -12.34 -1.72 6.84
C CYS A 74 -12.33 -1.00 5.49
N TYR A 75 -13.39 -1.19 4.70
CA TYR A 75 -13.55 -0.48 3.44
C TYR A 75 -13.48 1.02 3.59
N ASN A 76 -14.30 1.61 4.47
CA ASN A 76 -14.34 3.09 4.69
C ASN A 76 -12.98 3.73 4.98
N GLU A 77 -12.18 3.06 5.81
CA GLU A 77 -10.93 3.65 6.24
C GLU A 77 -9.90 3.62 5.11
N LEU A 78 -9.77 2.47 4.45
CA LEU A 78 -8.85 2.38 3.32
C LEU A 78 -9.33 3.20 2.14
N PHE A 79 -10.63 3.43 2.04
CA PHE A 79 -11.08 4.06 0.81
C PHE A 79 -11.52 5.52 0.87
N ASN A 80 -11.48 6.07 2.07
CA ASN A 80 -11.92 7.41 2.28
C ASN A 80 -13.36 7.57 1.87
N GLU A 81 -14.17 6.63 2.32
CA GLU A 81 -15.59 6.62 2.02
C GLU A 81 -16.20 7.86 2.63
N ASP A 82 -15.76 8.19 3.84
CA ASP A 82 -16.22 9.37 4.61
C ASP A 82 -15.87 10.72 4.01
N GLU A 83 -15.04 10.71 2.96
CA GLU A 83 -14.81 11.89 2.10
C GLU A 83 -15.34 11.66 0.67
N GLY A 84 -16.07 10.58 0.44
CA GLY A 84 -16.56 10.23 -0.89
C GLY A 84 -15.45 10.16 -1.93
N LYS A 85 -14.23 9.96 -1.46
CA LYS A 85 -13.09 9.77 -2.36
C LYS A 85 -12.83 8.28 -2.66
N VAL A 86 -13.88 7.48 -2.60
CA VAL A 86 -13.81 6.06 -2.97
C VAL A 86 -13.51 5.92 -4.45
N SER A 87 -14.29 6.67 -5.24
CA SER A 87 -14.11 6.80 -6.68
C SER A 87 -12.63 6.96 -6.97
N GLU A 88 -12.04 7.97 -6.35
CA GLU A 88 -10.69 8.35 -6.63
C GLU A 88 -9.66 7.34 -6.14
N ASN A 89 -9.89 6.68 -5.00
CA ASN A 89 -8.95 5.63 -4.51
C ASN A 89 -8.81 4.43 -5.43
N GLU A 90 -9.91 3.78 -5.79
CA GLU A 90 -9.75 2.68 -6.71
C GLU A 90 -9.22 3.13 -8.08
N GLU A 91 -9.49 4.39 -8.43
CA GLU A 91 -8.95 4.96 -9.68
C GLU A 91 -7.43 4.97 -9.65
N PHE A 92 -6.87 5.53 -8.58
CA PHE A 92 -5.42 5.54 -8.43
C PHE A 92 -4.83 4.13 -8.41
N ILE A 93 -5.41 3.23 -7.62
CA ILE A 93 -4.82 1.91 -7.41
C ILE A 93 -5.06 0.99 -8.59
N PHE A 94 -6.03 1.33 -9.44
CA PHE A 94 -6.29 0.53 -10.63
C PHE A 94 -5.31 0.86 -11.73
N HIS A 95 -5.07 2.16 -11.95
CA HIS A 95 -4.04 2.59 -12.89
C HIS A 95 -2.70 1.88 -12.59
N LEU A 96 -2.36 1.80 -11.31
CA LEU A 96 -1.04 1.38 -10.90
C LEU A 96 -0.79 -0.12 -11.07
N ALA A 97 -1.79 -0.90 -10.69
CA ALA A 97 -1.71 -2.35 -10.86
C ALA A 97 -1.74 -2.77 -12.33
N SER A 98 -2.31 -1.92 -13.19
CA SER A 98 -2.30 -2.17 -14.64
C SER A 98 -1.00 -1.72 -15.27
N ASP A 99 -0.40 -0.66 -14.71
CA ASP A 99 0.95 -0.24 -15.06
C ASP A 99 1.99 -1.22 -14.50
N LYS A 100 1.51 -2.32 -13.95
CA LYS A 100 2.39 -3.34 -13.43
C LYS A 100 3.28 -2.84 -12.32
N PHE A 101 2.80 -1.82 -11.64
CA PHE A 101 3.48 -1.14 -10.49
C PHE A 101 4.82 -0.43 -10.80
N LYS A 102 4.89 0.13 -11.98
CA LYS A 102 6.07 0.82 -12.43
C LYS A 102 5.74 2.28 -12.59
N LEU A 103 6.67 3.13 -12.18
CA LEU A 103 6.45 4.58 -12.30
C LEU A 103 7.42 5.24 -13.32
N LYS A 104 6.83 6.00 -14.24
CA LYS A 104 7.60 6.75 -15.22
C LYS A 104 7.98 8.13 -14.68
N GLN A 105 9.00 8.76 -15.22
CA GLN A 105 9.41 10.03 -14.64
C GLN A 105 8.29 11.00 -14.65
N LEU A 106 7.55 11.02 -15.74
CA LEU A 106 6.44 11.95 -15.83
C LEU A 106 5.44 11.83 -14.66
N ASP A 107 5.11 10.60 -14.27
CA ASP A 107 4.17 10.44 -13.14
C ASP A 107 4.83 10.57 -11.75
N MET A 108 6.10 10.19 -11.66
CA MET A 108 6.95 10.55 -10.53
C MET A 108 6.93 12.05 -10.26
N LYS A 109 6.95 12.83 -11.32
CA LYS A 109 6.98 14.26 -11.21
C LYS A 109 5.64 14.71 -10.68
N HIS A 110 4.57 14.18 -11.25
CA HIS A 110 3.24 14.57 -10.82
C HIS A 110 2.89 13.99 -9.46
N LEU A 111 3.50 12.86 -9.10
CA LEU A 111 3.33 12.39 -7.74
C LEU A 111 3.93 13.45 -6.85
N ASN A 112 5.14 13.89 -7.20
CA ASN A 112 5.86 14.87 -6.38
C ASN A 112 5.18 16.24 -6.25
N ASP A 113 4.32 16.58 -7.20
CA ASP A 113 3.56 17.82 -7.10
C ASP A 113 2.37 17.67 -6.17
N LEU A 114 1.65 16.56 -6.29
CA LEU A 114 0.55 16.29 -5.39
C LEU A 114 1.03 16.52 -3.97
N LEU A 115 2.21 16.02 -3.67
CA LEU A 115 2.63 15.96 -2.27
C LEU A 115 3.23 17.26 -1.77
N CYS A 116 3.38 18.25 -2.63
CA CYS A 116 3.92 19.50 -2.12
C CYS A 116 2.92 20.08 -1.12
N GLU A 117 1.64 20.04 -1.50
CA GLU A 117 0.57 20.71 -0.77
C GLU A 117 -0.43 19.76 -0.05
N LYS A 118 -0.17 18.45 -0.18
CA LYS A 118 -0.95 17.43 0.51
C LYS A 118 -0.07 16.44 1.25
N SER A 119 -0.53 16.04 2.41
CA SER A 119 0.20 15.08 3.20
C SER A 119 0.08 13.68 2.60
N TYR A 120 -1.09 13.36 2.05
CA TYR A 120 -1.35 12.05 1.47
C TYR A 120 -1.79 12.19 0.04
N ILE A 121 -1.62 11.15 -0.73
CA ILE A 121 -1.92 11.24 -2.13
C ILE A 121 -3.34 11.60 -2.52
N VAL A 122 -4.33 10.94 -1.96
CA VAL A 122 -5.70 11.27 -2.32
C VAL A 122 -6.38 11.99 -1.20
N SER A 123 -6.25 11.42 -0.02
CA SER A 123 -6.90 11.98 1.12
C SER A 123 -6.26 13.19 1.76
N ASN A 124 -7.10 13.93 2.44
CA ASN A 124 -6.72 15.08 3.26
C ASN A 124 -6.36 14.61 4.68
N ARG A 125 -7.27 13.82 5.24
CA ARG A 125 -7.21 13.42 6.64
C ARG A 125 -6.12 12.39 6.90
N HIS A 126 -6.27 11.19 6.34
CA HIS A 126 -5.44 10.04 6.73
C HIS A 126 -4.90 9.22 5.54
N ALA A 127 -3.98 8.29 5.83
CA ALA A 127 -3.47 7.39 4.80
C ALA A 127 -4.62 6.52 4.34
N SER A 128 -4.68 6.26 3.04
CA SER A 128 -5.74 5.45 2.48
C SER A 128 -5.09 4.31 1.68
N ILE A 129 -5.86 3.60 0.89
CA ILE A 129 -5.34 2.47 0.13
C ILE A 129 -4.38 2.97 -0.94
N VAL A 130 -4.60 4.19 -1.45
CA VAL A 130 -3.68 4.75 -2.44
C VAL A 130 -2.25 4.91 -1.89
N ASP A 131 -2.10 5.48 -0.70
CA ASP A 131 -0.78 5.57 -0.07
C ASP A 131 -0.06 4.23 0.13
N ILE A 132 -0.78 3.17 0.51
CA ILE A 132 -0.17 1.85 0.72
C ILE A 132 0.33 1.32 -0.63
N PHE A 133 -0.47 1.52 -1.67
CA PHE A 133 -0.08 1.05 -3.01
C PHE A 133 1.16 1.74 -3.53
N TYR A 134 1.15 3.07 -3.58
CA TYR A 134 2.34 3.84 -4.03
C TYR A 134 3.58 3.69 -3.16
N PHE A 135 3.41 3.50 -1.84
CA PHE A 135 4.55 3.27 -0.94
C PHE A 135 5.38 2.05 -1.38
N CYS A 136 4.73 0.90 -1.56
CA CYS A 136 5.47 -0.30 -1.97
C CYS A 136 6.01 -0.24 -3.41
N SER A 137 5.35 0.55 -4.26
CA SER A 137 5.81 0.72 -5.65
C SER A 137 7.07 1.60 -5.75
N VAL A 138 7.16 2.64 -4.94
CA VAL A 138 8.29 3.53 -5.04
C VAL A 138 9.45 3.09 -4.19
N TYR A 139 9.19 2.23 -3.19
CA TYR A 139 10.24 1.73 -2.31
C TYR A 139 11.57 1.46 -3.04
N LYS A 140 11.59 0.56 -4.04
CA LYS A 140 12.87 0.24 -4.72
C LYS A 140 13.42 1.35 -5.64
N PRO A 141 12.55 1.97 -6.48
CA PRO A 141 13.04 3.12 -7.25
C PRO A 141 13.41 4.33 -6.39
N LEU A 142 13.08 4.27 -5.10
CA LEU A 142 13.53 5.28 -4.16
C LEU A 142 14.73 4.79 -3.32
N SER A 143 14.70 3.50 -3.02
CA SER A 143 15.75 2.86 -2.23
C SER A 143 17.06 2.85 -2.97
N GLU A 144 16.99 2.50 -4.24
CA GLU A 144 18.18 2.52 -5.05
C GLU A 144 18.29 3.91 -5.63
N MET A 145 18.61 4.89 -4.81
CA MET A 145 18.71 6.25 -5.32
C MET A 145 19.82 7.10 -4.75
N PRO A 146 20.15 8.13 -5.50
CA PRO A 146 21.21 9.08 -5.15
C PRO A 146 20.60 10.27 -4.50
N ALA A 147 21.27 10.80 -3.50
CA ALA A 147 20.75 11.91 -2.76
C ALA A 147 20.47 13.13 -3.62
N LYS A 148 21.32 13.43 -4.58
CA LYS A 148 21.11 14.64 -5.38
C LYS A 148 19.78 14.61 -6.12
N GLU A 149 19.43 13.45 -6.66
CA GLU A 149 18.19 13.27 -7.40
C GLU A 149 16.89 13.39 -6.60
N ARG A 150 16.90 12.90 -5.36
CA ARG A 150 15.71 12.90 -4.55
C ARG A 150 15.20 14.30 -4.38
N VAL A 151 16.14 15.17 -4.16
CA VAL A 151 15.79 16.58 -3.93
C VAL A 151 14.86 17.13 -5.02
N GLU A 152 14.79 16.44 -6.16
CA GLU A 152 13.76 16.73 -7.16
C GLU A 152 12.44 16.23 -6.58
N ILE A 153 12.45 14.99 -6.07
CA ILE A 153 11.27 14.39 -5.46
C ILE A 153 11.25 14.50 -3.92
N SER A 154 11.66 15.64 -3.37
CA SER A 154 11.75 15.80 -1.92
C SER A 154 10.39 15.64 -1.21
N HIS A 155 9.31 15.91 -1.96
CA HIS A 155 7.97 15.74 -1.45
C HIS A 155 7.58 14.28 -1.33
N ILE A 156 7.81 13.52 -2.40
CA ILE A 156 7.62 12.07 -2.35
C ILE A 156 8.47 11.52 -1.19
N TYR A 157 9.62 12.14 -0.95
CA TYR A 157 10.53 11.68 0.08
C TYR A 157 9.99 11.94 1.49
N ARG A 158 9.47 13.12 1.71
CA ARG A 158 8.95 13.46 2.99
C ARG A 158 7.79 12.57 3.34
N TRP A 159 6.98 12.31 2.35
CA TRP A 159 5.78 11.51 2.50
C TRP A 159 6.13 10.03 2.73
N PHE A 160 7.11 9.52 1.98
CA PHE A 160 7.56 8.13 2.15
C PHE A 160 7.94 7.84 3.60
N LEU A 161 8.70 8.75 4.21
CA LEU A 161 9.14 8.64 5.62
C LEU A 161 7.96 8.69 6.63
N HIS A 162 6.95 9.49 6.32
CA HIS A 162 5.77 9.62 7.15
C HIS A 162 4.98 8.31 7.13
N ILE A 163 4.76 7.74 5.94
CA ILE A 163 4.15 6.42 5.84
C ILE A 163 4.99 5.35 6.59
N GLN A 164 6.31 5.40 6.40
CA GLN A 164 7.23 4.42 6.99
C GLN A 164 7.19 4.44 8.52
N GLU A 165 7.25 5.63 9.09
CA GLU A 165 7.24 5.78 10.51
C GLU A 165 5.84 5.66 11.15
N THR A 166 4.79 5.54 10.35
CA THR A 166 3.45 5.47 10.94
C THR A 166 2.64 4.21 10.60
N LEU A 167 2.61 3.79 9.36
CA LEU A 167 1.90 2.56 9.06
C LEU A 167 2.77 1.31 9.29
N VAL A 168 4.02 1.34 8.85
CA VAL A 168 4.87 0.14 8.98
C VAL A 168 4.81 -0.42 10.42
N GLY A 169 4.65 -1.75 10.50
CA GLY A 169 4.67 -2.49 11.76
C GLY A 169 5.21 -3.89 11.50
N LYS A 170 4.96 -4.81 12.44
CA LYS A 170 5.51 -6.19 12.42
C LYS A 170 5.49 -6.87 11.05
N PHE A 171 4.35 -6.79 10.37
CA PHE A 171 4.09 -7.49 9.11
C PHE A 171 4.96 -7.09 7.92
N THR A 172 5.35 -5.82 7.85
CA THR A 172 6.15 -5.36 6.72
C THR A 172 7.60 -5.68 7.01
N THR A 173 8.27 -6.18 5.98
CA THR A 173 9.63 -6.63 6.13
C THR A 173 10.64 -5.67 5.46
N LEU A 174 10.15 -4.86 4.52
CA LEU A 174 10.97 -3.82 3.91
C LEU A 174 11.79 -3.08 4.98
N LYS A 175 13.10 -2.94 4.75
CA LYS A 175 13.96 -2.25 5.71
C LYS A 175 13.79 -0.74 5.60
N LYS A 176 13.92 -0.06 6.73
CA LYS A 176 13.87 1.41 6.82
C LYS A 176 14.86 2.12 5.89
N LEU A 177 14.38 3.10 5.15
CA LEU A 177 15.25 4.06 4.46
C LEU A 177 15.64 5.21 5.40
CO CO B . 0.07 5.30 -16.79
CO CO C . -11.25 9.59 6.18
#